data_7MG8
#
_entry.id   7MG8
#
_cell.length_a   66.419
_cell.length_b   69.920
_cell.length_c   125.869
_cell.angle_alpha   90.00
_cell.angle_beta   90.00
_cell.angle_gamma   90.00
#
_symmetry.space_group_name_H-M   'P 21 2 21'
#
loop_
_entity.id
_entity.type
_entity.pdbx_description
1 polymer Concanavalin-A
2 polymer "DNA (5'-D(P*CP*GP*CP*G)-3')"
3 non-polymer 'MANGANESE (II) ION'
4 non-polymer 'CALCIUM ION'
5 non-polymer alpha-D-mannopyranose
6 non-polymer 3-{[2-(2-hydroxyethoxy)ethyl]amino}-4-[(6-hydroxyhexyl)amino]cyclobut-3-ene-1,2-dione
7 water water
#
loop_
_entity_poly.entity_id
_entity_poly.type
_entity_poly.pdbx_seq_one_letter_code
_entity_poly.pdbx_strand_id
1 'polypeptide(L)'
;ADTIVAVELDTYPNTDIGDPSYPHIGIDIKSVRSKKTAKWNMQNGKVGTAHIIYNSVDKRLSAVVSYPNADSATVSYDVD
LDNVLPEWVRVGLSASTGLYKETNTILSWSFTSKLKSNSTHETNALHFMFNQFSKDQKDLILQGDATTGTDGNLELTRVS
SNGSPQGSSVGRALFYAPVHIWESSAVVASFEATFTFLIKSPDSHPADGIAFFISNIDSSIPSGSTGRLLGLFPDAN
;
A,B
2 'polydeoxyribonucleotide' (DC)(DG)(DC)(DG) C,D
#
loop_
_chem_comp.id
_chem_comp.type
_chem_comp.name
_chem_comp.formula
CA non-polymer 'CALCIUM ION' 'Ca 2'
DC DNA linking 2'-DEOXYCYTIDINE-5'-MONOPHOSPHATE 'C9 H14 N3 O7 P'
DG DNA linking 2'-DEOXYGUANOSINE-5'-MONOPHOSPHATE 'C10 H14 N5 O7 P'
MAN D-saccharide, alpha linking alpha-D-mannopyranose 'C6 H12 O6'
MN non-polymer 'MANGANESE (II) ION' 'Mn 2'
SQ0 non-polymer 3-{[2-(2-hydroxyethoxy)ethyl]amino}-4-[(6-hydroxyhexyl)amino]cyclobut-3-ene-1,2-dione 'C14 H24 N2 O5'
#
# COMPACT_ATOMS: atom_id res chain seq x y z
N ALA A 1 -9.39 -3.42 23.72
CA ALA A 1 -8.39 -2.34 23.48
C ALA A 1 -7.68 -2.56 22.13
N ASP A 2 -6.91 -1.58 21.69
CA ASP A 2 -5.95 -1.76 20.57
C ASP A 2 -4.82 -2.64 21.11
N THR A 3 -4.25 -3.50 20.27
CA THR A 3 -2.96 -4.17 20.55
C THR A 3 -1.82 -3.37 19.93
N ILE A 4 -0.82 -3.00 20.73
CA ILE A 4 0.30 -2.13 20.29
C ILE A 4 1.64 -2.82 20.48
N VAL A 5 2.44 -2.84 19.44
CA VAL A 5 3.89 -3.20 19.44
C VAL A 5 4.62 -1.98 18.88
N ALA A 6 5.44 -1.31 19.68
CA ALA A 6 6.02 -0.02 19.30
C ALA A 6 7.52 0.04 19.59
N VAL A 7 8.23 0.90 18.89
CA VAL A 7 9.62 1.31 19.23
C VAL A 7 9.54 2.77 19.68
N GLU A 8 9.79 3.03 20.96
CA GLU A 8 9.59 4.38 21.55
C GLU A 8 10.94 5.08 21.50
N LEU A 9 10.90 6.38 21.24
CA LEU A 9 12.04 7.33 21.35
C LEU A 9 11.69 8.35 22.45
N ASP A 10 11.86 7.96 23.72
CA ASP A 10 11.39 8.72 24.91
C ASP A 10 12.42 9.81 25.20
N THR A 11 12.05 11.08 25.06
CA THR A 11 12.95 12.24 25.29
C THR A 11 12.80 12.75 26.72
N TYR A 12 11.69 12.40 27.38
CA TYR A 12 11.32 12.80 28.76
C TYR A 12 11.22 11.58 29.66
N PRO A 13 12.21 11.41 30.57
CA PRO A 13 12.18 10.35 31.57
C PRO A 13 11.06 10.58 32.59
N ASN A 14 10.00 9.79 32.48
CA ASN A 14 8.94 9.71 33.51
C ASN A 14 9.30 8.58 34.47
N THR A 15 10.16 8.88 35.46
CA THR A 15 10.71 7.91 36.44
C THR A 15 9.56 7.23 37.21
N ASP A 16 8.48 7.98 37.43
CA ASP A 16 7.18 7.54 38.03
C ASP A 16 6.72 6.18 37.47
N ILE A 17 6.86 5.93 36.16
CA ILE A 17 6.29 4.75 35.43
C ILE A 17 7.41 3.99 34.72
N GLY A 18 8.60 3.92 35.32
CA GLY A 18 9.62 2.92 34.96
C GLY A 18 10.59 3.38 33.89
N ASP A 19 10.37 4.54 33.26
CA ASP A 19 11.36 5.14 32.33
C ASP A 19 12.67 5.23 33.10
N PRO A 20 13.82 4.84 32.52
CA PRO A 20 15.13 5.13 33.14
C PRO A 20 15.38 6.63 33.34
N SER A 21 16.42 6.99 34.08
CA SER A 21 16.72 8.40 34.48
C SER A 21 17.33 9.21 33.33
N TYR A 22 16.97 8.95 32.06
CA TYR A 22 17.58 9.61 30.87
C TYR A 22 16.77 9.36 29.60
N PRO A 23 16.94 10.21 28.55
CA PRO A 23 16.33 9.95 27.25
C PRO A 23 16.73 8.56 26.70
N HIS A 24 15.76 7.75 26.30
CA HIS A 24 15.98 6.33 25.90
C HIS A 24 15.22 5.98 24.61
N ILE A 25 15.82 5.14 23.73
CA ILE A 25 15.12 4.22 22.77
C ILE A 25 14.60 3.04 23.62
N GLY A 26 13.37 2.56 23.38
CA GLY A 26 12.81 1.35 24.04
C GLY A 26 11.91 0.50 23.12
N ILE A 27 11.76 -0.78 23.44
CA ILE A 27 10.90 -1.75 22.70
C ILE A 27 9.65 -2.00 23.56
N ASP A 28 8.47 -1.55 23.12
CA ASP A 28 7.22 -1.55 23.92
C ASP A 28 6.30 -2.66 23.40
N ILE A 29 6.02 -3.67 24.21
CA ILE A 29 5.03 -4.72 23.83
C ILE A 29 3.80 -4.57 24.72
N LYS A 30 2.72 -4.02 24.15
CA LYS A 30 1.37 -3.93 24.76
C LYS A 30 1.37 -3.10 26.05
N SER A 31 2.47 -2.37 26.35
CA SER A 31 2.63 -1.54 27.57
C SER A 31 3.67 -0.44 27.31
N VAL A 32 3.42 0.77 27.82
CA VAL A 32 4.35 1.91 27.67
C VAL A 32 5.61 1.65 28.49
N ARG A 33 5.49 0.80 29.52
CA ARG A 33 6.64 0.30 30.31
C ARG A 33 7.44 -0.65 29.41
N SER A 34 8.42 -0.10 28.69
CA SER A 34 9.23 -0.84 27.68
C SER A 34 9.76 -2.14 28.30
N LYS A 35 9.83 -3.20 27.49
CA LYS A 35 10.40 -4.53 27.84
C LYS A 35 11.91 -4.51 27.50
N LYS A 36 12.47 -3.43 26.97
CA LYS A 36 13.94 -3.23 26.79
C LYS A 36 14.19 -1.74 26.51
N THR A 37 15.16 -1.08 27.16
CA THR A 37 15.54 0.35 26.92
C THR A 37 17.06 0.47 26.79
N ALA A 38 17.52 1.63 26.33
CA ALA A 38 18.94 1.93 26.11
C ALA A 38 19.16 3.44 26.16
N LYS A 39 20.33 3.90 26.67
CA LYS A 39 20.63 5.35 26.80
C LYS A 39 20.69 5.88 25.37
N TRP A 40 19.99 7.00 25.12
CA TRP A 40 19.99 7.67 23.80
C TRP A 40 20.41 9.14 23.97
N ASN A 41 21.59 9.50 23.45
CA ASN A 41 22.16 10.88 23.44
C ASN A 41 21.38 11.69 22.40
N MET A 42 20.14 12.05 22.74
CA MET A 42 19.26 12.88 21.88
C MET A 42 19.94 14.21 21.63
N GLN A 43 20.00 14.64 20.38
CA GLN A 43 20.59 15.93 19.97
C GLN A 43 19.45 16.88 19.58
N ASN A 44 19.17 17.86 20.44
CA ASN A 44 18.18 18.92 20.19
C ASN A 44 18.53 19.67 18.89
N GLY A 45 17.65 19.64 17.89
CA GLY A 45 17.78 20.48 16.68
C GLY A 45 18.45 19.75 15.53
N LYS A 46 18.99 18.55 15.76
CA LYS A 46 19.69 17.75 14.72
C LYS A 46 18.69 16.74 14.14
N VAL A 47 18.78 16.52 12.82
CA VAL A 47 18.03 15.48 12.06
C VAL A 47 18.62 14.12 12.37
N GLY A 48 17.79 13.18 12.80
CA GLY A 48 18.19 11.81 13.19
C GLY A 48 17.48 10.76 12.38
N THR A 49 17.91 9.50 12.52
CA THR A 49 17.49 8.36 11.67
C THR A 49 17.23 7.16 12.57
N ALA A 50 16.18 6.41 12.25
CA ALA A 50 15.69 5.21 12.97
C ALA A 50 15.50 4.05 11.98
N HIS A 51 16.21 2.93 12.16
CA HIS A 51 16.03 1.65 11.44
C HIS A 51 15.44 0.67 12.46
N ILE A 52 14.36 -0.03 12.09
CA ILE A 52 13.71 -1.04 12.97
C ILE A 52 13.59 -2.31 12.13
N ILE A 53 14.01 -3.46 12.68
CA ILE A 53 14.01 -4.72 11.89
C ILE A 53 13.42 -5.88 12.70
N TYR A 54 12.75 -6.83 12.05
CA TYR A 54 12.22 -8.05 12.72
C TYR A 54 12.08 -9.16 11.68
N ASN A 55 12.38 -10.42 12.04
CA ASN A 55 12.17 -11.56 11.12
C ASN A 55 11.55 -12.73 11.86
N SER A 56 11.00 -13.70 11.13
CA SER A 56 10.29 -14.87 11.75
C SER A 56 11.30 -15.93 12.19
N VAL A 57 12.51 -15.88 11.63
CA VAL A 57 13.60 -16.86 11.90
C VAL A 57 14.25 -16.53 13.25
N ASP A 58 14.65 -15.27 13.45
CA ASP A 58 15.36 -14.78 14.66
C ASP A 58 14.32 -14.38 15.72
N LYS A 59 13.07 -14.13 15.29
CA LYS A 59 11.95 -13.59 16.11
C LYS A 59 12.53 -12.57 17.10
N ARG A 60 13.34 -11.62 16.61
CA ARG A 60 13.98 -10.57 17.43
C ARG A 60 13.75 -9.20 16.80
N LEU A 61 12.94 -8.37 17.47
CA LEU A 61 12.62 -6.97 17.13
C LEU A 61 13.75 -6.10 17.64
N SER A 62 14.45 -5.46 16.72
CA SER A 62 15.69 -4.70 16.97
C SER A 62 15.54 -3.29 16.38
N ALA A 63 16.30 -2.31 16.89
CA ALA A 63 16.24 -0.90 16.47
C ALA A 63 17.58 -0.18 16.69
N VAL A 64 17.96 0.65 15.73
CA VAL A 64 19.16 1.53 15.79
C VAL A 64 18.66 2.97 15.58
N VAL A 65 19.11 3.93 16.40
CA VAL A 65 18.76 5.38 16.25
C VAL A 65 20.10 6.10 16.30
N SER A 66 20.31 7.10 15.46
CA SER A 66 21.66 7.68 15.24
C SER A 66 21.58 9.05 14.57
N TYR A 67 22.59 9.88 14.82
CA TYR A 67 22.79 11.20 14.17
C TYR A 67 24.17 11.20 13.50
N PRO A 68 24.35 11.94 12.37
CA PRO A 68 25.63 12.00 11.66
C PRO A 68 26.83 12.30 12.58
N ASN A 69 27.97 11.61 12.35
CA ASN A 69 29.25 11.75 13.07
C ASN A 69 29.05 11.58 14.59
N ALA A 70 28.18 10.66 15.01
CA ALA A 70 27.89 10.37 16.44
C ALA A 70 27.60 8.88 16.61
N ASP A 71 27.77 8.39 17.84
CA ASP A 71 27.54 6.97 18.20
C ASP A 71 26.03 6.71 18.12
N SER A 72 25.66 5.43 18.10
CA SER A 72 24.27 4.95 17.94
C SER A 72 23.73 4.49 19.29
N ALA A 73 22.40 4.34 19.39
CA ALA A 73 21.72 3.55 20.46
C ALA A 73 21.01 2.35 19.81
N THR A 74 21.26 1.16 20.31
CA THR A 74 20.68 -0.11 19.81
C THR A 74 19.86 -0.71 20.93
N VAL A 75 18.74 -1.33 20.56
CA VAL A 75 17.86 -2.11 21.50
C VAL A 75 17.31 -3.28 20.70
N SER A 76 17.22 -4.44 21.33
CA SER A 76 16.69 -5.71 20.77
C SER A 76 15.80 -6.33 21.83
N TYR A 77 14.90 -7.23 21.42
CA TYR A 77 14.03 -7.99 22.32
C TYR A 77 13.46 -9.18 21.56
N ASP A 78 13.56 -10.37 22.18
CA ASP A 78 13.08 -11.65 21.59
C ASP A 78 11.60 -11.73 21.89
N VAL A 79 10.80 -11.76 20.83
CA VAL A 79 9.32 -11.82 20.90
C VAL A 79 8.80 -12.40 19.59
N ASP A 80 7.96 -13.42 19.71
CA ASP A 80 7.15 -13.95 18.60
C ASP A 80 5.95 -13.00 18.42
N LEU A 81 5.99 -12.16 17.38
CA LEU A 81 4.92 -11.19 17.10
C LEU A 81 3.71 -11.95 16.58
N ASP A 82 3.87 -13.24 16.22
CA ASP A 82 2.74 -14.11 15.80
C ASP A 82 1.88 -14.42 17.03
N ASN A 83 2.45 -14.24 18.22
CA ASN A 83 1.79 -14.52 19.53
C ASN A 83 1.24 -13.22 20.15
N VAL A 84 1.45 -12.08 19.50
CA VAL A 84 1.16 -10.73 20.08
C VAL A 84 0.17 -9.99 19.19
N LEU A 85 0.51 -9.85 17.90
CA LEU A 85 -0.25 -9.08 16.90
C LEU A 85 -1.21 -9.99 16.16
N PRO A 86 -2.35 -9.47 15.68
CA PRO A 86 -3.17 -10.19 14.72
C PRO A 86 -2.43 -10.29 13.37
N GLU A 87 -2.91 -11.18 12.48
CA GLU A 87 -2.30 -11.48 11.16
C GLU A 87 -2.15 -10.18 10.39
N TRP A 88 -3.25 -9.43 10.34
CA TRP A 88 -3.34 -8.15 9.60
C TRP A 88 -3.30 -7.02 10.62
N VAL A 89 -2.54 -5.99 10.28
CA VAL A 89 -2.17 -4.86 11.18
C VAL A 89 -2.05 -3.61 10.32
N ARG A 90 -1.96 -2.45 10.98
CA ARG A 90 -1.49 -1.18 10.35
C ARG A 90 -0.16 -0.78 10.99
N VAL A 91 0.71 -0.20 10.20
CA VAL A 91 1.99 0.37 10.70
C VAL A 91 1.82 1.88 10.66
N GLY A 92 2.46 2.55 11.62
CA GLY A 92 2.22 3.96 11.92
C GLY A 92 3.37 4.59 12.67
N LEU A 93 3.38 5.92 12.69
CA LEU A 93 4.22 6.77 13.56
C LEU A 93 3.28 7.54 14.48
N SER A 94 3.65 7.69 15.74
CA SER A 94 2.94 8.47 16.78
C SER A 94 3.91 9.46 17.42
N ALA A 95 3.39 10.49 18.10
CA ALA A 95 4.18 11.48 18.89
C ALA A 95 3.26 12.30 19.81
N SER A 96 3.80 12.79 20.93
CA SER A 96 3.02 13.50 21.97
C SER A 96 3.85 14.59 22.64
N THR A 97 3.19 15.53 23.33
CA THR A 97 3.81 16.52 24.24
C THR A 97 2.98 16.56 25.53
N GLY A 98 3.49 17.17 26.60
CA GLY A 98 2.73 17.23 27.87
C GLY A 98 3.11 18.44 28.70
N LEU A 99 3.80 18.21 29.83
CA LEU A 99 4.26 19.32 30.70
C LEU A 99 5.12 20.28 29.88
N TYR A 100 6.06 19.72 29.11
CA TYR A 100 6.95 20.53 28.24
C TYR A 100 6.42 20.50 26.80
N LYS A 101 7.33 20.50 25.83
CA LYS A 101 7.01 20.49 24.39
C LYS A 101 8.28 20.14 23.60
N GLU A 102 8.11 19.71 22.35
CA GLU A 102 9.19 19.55 21.33
C GLU A 102 8.49 19.51 19.98
N THR A 103 9.18 19.80 18.88
CA THR A 103 8.65 19.49 17.52
C THR A 103 8.79 17.99 17.26
N ASN A 104 7.81 17.39 16.59
CA ASN A 104 7.86 15.95 16.25
C ASN A 104 7.71 15.86 14.72
N THR A 105 8.67 16.50 14.03
CA THR A 105 8.81 16.56 12.56
C THR A 105 9.38 15.23 12.05
N ILE A 106 8.72 14.63 11.06
CA ILE A 106 9.15 13.42 10.32
C ILE A 106 9.47 13.90 8.90
N LEU A 107 10.71 13.71 8.46
CA LEU A 107 11.14 14.16 7.11
C LEU A 107 11.00 13.00 6.12
N SER A 108 11.15 11.77 6.58
CA SER A 108 11.12 10.58 5.68
C SER A 108 10.49 9.40 6.42
N TRP A 109 9.95 8.42 5.70
CA TRP A 109 9.36 7.20 6.33
C TRP A 109 9.21 6.13 5.27
N SER A 110 9.92 5.02 5.48
CA SER A 110 10.01 3.85 4.57
C SER A 110 9.61 2.58 5.35
N PHE A 111 8.90 1.64 4.72
CA PHE A 111 8.46 0.38 5.34
C PHE A 111 8.32 -0.70 4.25
N THR A 112 8.80 -1.90 4.56
CA THR A 112 8.85 -3.05 3.62
C THR A 112 8.37 -4.28 4.40
N SER A 113 7.45 -5.06 3.85
CA SER A 113 7.04 -6.37 4.44
C SER A 113 7.15 -7.47 3.38
N LYS A 114 7.68 -8.63 3.76
CA LYS A 114 7.86 -9.82 2.88
C LYS A 114 7.29 -11.02 3.62
N LEU A 115 6.55 -11.90 2.92
CA LEU A 115 6.10 -13.25 3.37
C LEU A 115 6.44 -14.31 2.30
N LYS A 116 7.52 -15.07 2.41
CA LYS A 116 7.74 -16.31 1.59
C LYS A 116 6.96 -17.43 2.25
N SER A 117 6.02 -18.06 1.54
CA SER A 117 5.22 -19.23 2.01
C SER A 117 5.45 -20.44 1.09
N GLU A 122 7.11 -16.92 -4.94
CA GLU A 122 6.16 -17.36 -3.88
C GLU A 122 6.17 -16.40 -2.68
N THR A 123 6.74 -15.21 -2.83
CA THR A 123 6.82 -14.14 -1.80
C THR A 123 5.72 -13.11 -2.07
N ASN A 124 5.05 -12.62 -1.02
CA ASN A 124 4.13 -11.45 -1.04
C ASN A 124 4.81 -10.27 -0.35
N ALA A 125 4.66 -9.08 -0.93
CA ALA A 125 5.55 -7.93 -0.62
C ALA A 125 4.80 -6.61 -0.68
N LEU A 126 5.14 -5.72 0.24
CA LEU A 126 4.59 -4.35 0.28
C LEU A 126 5.73 -3.44 0.66
N HIS A 127 5.91 -2.37 -0.09
CA HIS A 127 6.96 -1.37 0.22
C HIS A 127 6.39 0.01 -0.06
N PHE A 128 6.56 0.94 0.87
CA PHE A 128 6.24 2.37 0.64
C PHE A 128 7.41 3.21 1.15
N MET A 129 7.66 4.29 0.44
CA MET A 129 8.74 5.26 0.71
C MET A 129 8.13 6.65 0.56
N PHE A 130 8.17 7.44 1.63
CA PHE A 130 7.82 8.88 1.60
C PHE A 130 9.09 9.68 1.86
N ASN A 131 9.46 10.55 0.92
CA ASN A 131 10.56 11.54 1.13
C ASN A 131 9.93 12.95 1.13
N GLN A 132 8.92 13.23 0.29
CA GLN A 132 8.04 14.44 0.41
C GLN A 132 6.68 14.00 1.01
N PHE A 133 6.03 14.87 1.79
CA PHE A 133 4.61 14.73 2.22
C PHE A 133 3.79 15.86 1.59
N SER A 134 2.69 15.58 0.89
CA SER A 134 1.85 16.65 0.29
C SER A 134 0.76 17.10 1.29
N LYS A 135 0.10 18.23 0.98
CA LYS A 135 -1.06 18.75 1.76
C LYS A 135 -2.18 17.68 1.79
N ASP A 136 -2.49 17.00 0.67
CA ASP A 136 -3.55 15.95 0.62
C ASP A 136 -2.95 14.55 0.40
N GLN A 137 -2.47 13.93 1.48
CA GLN A 137 -1.83 12.60 1.40
C GLN A 137 -2.93 11.56 1.63
N LYS A 138 -3.36 10.89 0.56
CA LYS A 138 -4.50 9.96 0.68
C LYS A 138 -4.03 8.56 1.08
N ASP A 139 -2.73 8.31 1.02
CA ASP A 139 -2.16 6.99 1.42
C ASP A 139 -1.77 7.03 2.90
N LEU A 140 -2.24 8.04 3.62
CA LEU A 140 -1.93 8.17 5.07
C LEU A 140 -3.24 8.50 5.80
N ILE A 141 -3.45 7.86 6.95
CA ILE A 141 -4.55 8.18 7.90
C ILE A 141 -3.95 9.02 9.02
N LEU A 142 -4.14 10.33 8.98
CA LEU A 142 -3.70 11.26 10.05
C LEU A 142 -4.77 11.25 11.13
N GLN A 143 -4.35 11.03 12.37
CA GLN A 143 -5.21 11.04 13.58
C GLN A 143 -4.63 12.08 14.53
N GLY A 144 -5.47 12.79 15.29
CA GLY A 144 -5.04 13.81 16.26
C GLY A 144 -4.51 15.05 15.58
N ASP A 145 -3.36 15.54 16.02
CA ASP A 145 -2.85 16.86 15.60
C ASP A 145 -1.92 16.70 14.38
N ALA A 146 -1.73 15.47 13.89
CA ALA A 146 -0.83 15.17 12.75
C ALA A 146 -1.28 15.93 11.50
N THR A 147 -0.32 16.44 10.74
CA THR A 147 -0.55 17.23 9.51
C THR A 147 0.62 17.11 8.55
N THR A 148 0.36 17.32 7.26
CA THR A 148 1.36 17.17 6.16
C THR A 148 1.38 18.48 5.33
N GLY A 149 2.49 18.76 4.64
CA GLY A 149 2.61 19.87 3.67
C GLY A 149 3.54 20.99 4.12
N THR A 150 3.69 21.18 5.44
CA THR A 150 4.62 22.16 6.07
C THR A 150 6.07 21.73 5.74
N ASP A 151 6.71 22.42 4.77
CA ASP A 151 8.09 22.14 4.30
C ASP A 151 8.15 20.77 3.59
N GLY A 152 7.00 20.20 3.22
CA GLY A 152 6.88 18.80 2.74
C GLY A 152 7.19 17.76 3.83
N ASN A 153 6.97 18.11 5.10
CA ASN A 153 7.23 17.22 6.27
C ASN A 153 5.92 16.86 6.98
N LEU A 154 5.95 15.81 7.79
CA LEU A 154 4.80 15.30 8.57
C LEU A 154 5.00 15.75 10.01
N GLU A 155 4.07 16.55 10.54
CA GLU A 155 4.20 17.20 11.86
C GLU A 155 3.16 16.52 12.76
N LEU A 156 3.63 15.58 13.58
CA LEU A 156 2.78 14.68 14.36
C LEU A 156 2.13 15.46 15.51
N THR A 157 2.87 16.38 16.16
CA THR A 157 2.33 17.30 17.20
C THR A 157 2.24 18.70 16.61
N ARG A 158 1.37 19.53 17.19
CA ARG A 158 0.97 20.88 16.70
C ARG A 158 2.18 21.81 16.80
N VAL A 159 2.24 22.76 15.86
CA VAL A 159 3.27 23.84 15.80
C VAL A 159 2.53 25.15 15.53
N SER A 160 2.65 26.14 16.44
CA SER A 160 2.02 27.51 16.35
C SER A 160 2.42 28.13 15.01
N SER A 161 1.59 29.02 14.42
CA SER A 161 1.93 29.83 13.22
C SER A 161 3.36 30.43 13.39
N ASN A 162 3.64 31.00 14.57
CA ASN A 162 4.95 31.57 15.00
C ASN A 162 6.11 30.58 14.78
N GLY A 163 5.86 29.26 14.77
CA GLY A 163 6.87 28.22 14.48
C GLY A 163 7.19 27.36 15.71
N SER A 164 6.83 27.85 16.91
CA SER A 164 7.05 27.21 18.23
C SER A 164 6.18 25.97 18.40
N PRO A 165 6.79 24.85 18.88
CA PRO A 165 6.05 23.64 19.27
C PRO A 165 5.06 23.82 20.44
N GLN A 166 3.91 23.16 20.39
CA GLN A 166 2.80 23.32 21.38
C GLN A 166 2.82 22.13 22.36
N GLY A 167 2.32 22.34 23.57
CA GLY A 167 2.23 21.31 24.63
C GLY A 167 0.89 20.59 24.63
N SER A 168 0.76 19.56 25.48
CA SER A 168 -0.45 18.69 25.59
C SER A 168 -1.01 18.36 24.20
N SER A 169 -0.15 17.94 23.26
CA SER A 169 -0.49 17.59 21.86
C SER A 169 -0.27 16.09 21.66
N VAL A 170 -1.03 15.47 20.75
CA VAL A 170 -0.85 14.06 20.32
C VAL A 170 -1.48 13.85 18.93
N GLY A 171 -0.71 13.23 18.03
CA GLY A 171 -1.09 12.89 16.65
C GLY A 171 -0.31 11.71 16.09
N ARG A 172 -0.90 10.99 15.13
CA ARG A 172 -0.39 9.72 14.58
C ARG A 172 -0.66 9.65 13.06
N ALA A 173 0.33 9.16 12.31
CA ALA A 173 0.17 8.80 10.88
C ALA A 173 0.15 7.27 10.73
N LEU A 174 -0.85 6.72 10.06
CA LEU A 174 -0.88 5.27 9.71
C LEU A 174 -0.93 5.15 8.20
N PHE A 175 -0.17 4.21 7.64
CA PHE A 175 -0.26 3.87 6.19
C PHE A 175 -1.64 3.25 5.93
N TYR A 176 -2.27 3.65 4.83
CA TYR A 176 -3.71 3.42 4.54
C TYR A 176 -3.97 1.93 4.42
N ALA A 177 -3.08 1.18 3.78
CA ALA A 177 -3.29 -0.26 3.46
C ALA A 177 -2.94 -1.12 4.68
N PRO A 178 -3.79 -2.13 4.99
CA PRO A 178 -3.44 -3.10 6.01
C PRO A 178 -2.26 -3.94 5.51
N VAL A 179 -1.42 -4.41 6.45
CA VAL A 179 -0.21 -5.24 6.15
C VAL A 179 -0.37 -6.61 6.80
N HIS A 180 -0.02 -7.65 6.06
CA HIS A 180 0.04 -9.06 6.52
C HIS A 180 1.42 -9.27 7.14
N ILE A 181 1.51 -9.30 8.47
CA ILE A 181 2.81 -9.30 9.19
C ILE A 181 3.26 -10.73 9.52
N TRP A 182 2.31 -11.68 9.61
CA TRP A 182 2.62 -13.12 9.84
C TRP A 182 1.52 -14.01 9.22
N GLU A 183 1.89 -15.16 8.65
CA GLU A 183 0.92 -16.23 8.28
C GLU A 183 1.36 -17.57 8.84
N SER A 184 0.42 -18.39 9.35
CA SER A 184 0.59 -19.79 9.84
C SER A 184 1.44 -20.60 8.85
N SER A 185 0.96 -20.81 7.61
CA SER A 185 1.67 -21.49 6.50
C SER A 185 2.53 -20.49 5.72
N ALA A 186 3.60 -19.97 6.35
CA ALA A 186 4.68 -19.13 5.79
C ALA A 186 6.03 -19.63 6.35
N VAL A 187 7.09 -19.66 5.54
CA VAL A 187 8.43 -20.20 5.93
C VAL A 187 9.24 -19.04 6.50
N VAL A 188 9.13 -17.85 5.91
CA VAL A 188 9.88 -16.64 6.36
C VAL A 188 8.98 -15.42 6.20
N ALA A 189 8.98 -14.56 7.21
CA ALA A 189 8.25 -13.27 7.27
C ALA A 189 9.26 -12.25 7.80
N SER A 190 9.27 -11.03 7.24
CA SER A 190 10.22 -9.96 7.65
C SER A 190 9.64 -8.59 7.36
N PHE A 191 10.04 -7.59 8.16
CA PHE A 191 9.77 -6.14 7.89
C PHE A 191 10.97 -5.31 8.34
N GLU A 192 11.23 -4.25 7.57
CA GLU A 192 12.20 -3.17 7.83
C GLU A 192 11.36 -1.90 7.88
N ALA A 193 11.72 -0.92 8.70
CA ALA A 193 11.08 0.41 8.81
C ALA A 193 12.15 1.46 9.06
N THR A 194 12.14 2.55 8.30
CA THR A 194 13.14 3.64 8.40
C THR A 194 12.40 4.96 8.46
N PHE A 195 12.85 5.90 9.28
CA PHE A 195 12.32 7.27 9.26
C PHE A 195 13.38 8.22 9.80
N THR A 196 13.50 9.39 9.19
CA THR A 196 14.28 10.53 9.70
C THR A 196 13.30 11.48 10.40
N PHE A 197 13.80 12.20 11.40
CA PHE A 197 13.03 13.11 12.27
C PHE A 197 13.88 14.32 12.65
N LEU A 198 13.21 15.36 13.16
CA LEU A 198 13.79 16.59 13.77
C LEU A 198 12.99 16.91 15.04
N ILE A 199 13.49 16.47 16.21
CA ILE A 199 13.05 16.93 17.55
C ILE A 199 13.89 18.16 17.94
N LYS A 200 13.26 19.35 17.96
CA LYS A 200 13.86 20.65 18.35
C LYS A 200 12.93 21.26 19.42
N SER A 201 13.49 21.73 20.52
CA SER A 201 12.76 22.29 21.69
C SER A 201 13.43 23.59 22.15
N PRO A 202 12.75 24.76 22.12
CA PRO A 202 13.33 25.97 22.69
C PRO A 202 13.45 25.84 24.22
N ASP A 203 12.44 25.28 24.89
CA ASP A 203 12.51 24.83 26.31
C ASP A 203 13.62 23.77 26.42
N SER A 204 14.52 23.94 27.39
CA SER A 204 15.62 22.98 27.71
C SER A 204 15.03 21.73 28.40
N HIS A 205 13.74 21.69 28.70
CA HIS A 205 13.00 20.44 29.04
C HIS A 205 12.26 20.00 27.78
N PRO A 206 12.83 19.09 26.95
CA PRO A 206 12.12 18.52 25.79
C PRO A 206 11.27 17.29 26.13
N ALA A 207 10.06 17.21 25.56
CA ALA A 207 9.05 16.15 25.83
C ALA A 207 8.07 16.08 24.65
N ASP A 208 7.51 14.90 24.34
CA ASP A 208 7.63 13.69 25.14
C ASP A 208 8.31 12.55 24.35
N GLY A 209 8.13 12.47 23.02
CA GLY A 209 8.85 11.51 22.16
C GLY A 209 8.10 11.11 20.90
N ILE A 210 8.77 10.35 20.02
CA ILE A 210 8.23 9.79 18.75
C ILE A 210 8.30 8.26 18.84
N ALA A 211 7.42 7.53 18.16
CA ALA A 211 7.38 6.06 18.17
C ALA A 211 6.85 5.51 16.84
N PHE A 212 7.55 4.50 16.31
CA PHE A 212 7.03 3.58 15.28
C PHE A 212 6.15 2.52 15.98
N PHE A 213 4.95 2.27 15.46
CA PHE A 213 4.05 1.25 16.06
C PHE A 213 3.39 0.42 14.97
N ILE A 214 3.09 -0.82 15.35
CA ILE A 214 2.21 -1.79 14.63
C ILE A 214 1.03 -2.06 15.54
N SER A 215 -0.18 -2.23 14.98
CA SER A 215 -1.45 -2.27 15.74
C SER A 215 -2.54 -2.93 14.90
N ASN A 216 -3.62 -3.33 15.55
CA ASN A 216 -4.87 -3.77 14.87
C ASN A 216 -5.29 -2.70 13.84
N ILE A 217 -5.87 -3.13 12.71
CA ILE A 217 -6.15 -2.33 11.48
C ILE A 217 -6.89 -1.05 11.88
N ASP A 218 -7.84 -1.13 12.82
CA ASP A 218 -8.81 -0.03 13.16
C ASP A 218 -8.28 0.85 14.30
N SER A 219 -6.97 0.80 14.59
CA SER A 219 -6.35 1.44 15.78
C SER A 219 -6.60 2.95 15.71
N SER A 220 -6.74 3.58 16.87
CA SER A 220 -7.11 5.01 17.06
C SER A 220 -6.49 5.58 18.34
N ILE A 221 -6.23 6.89 18.34
CA ILE A 221 -5.52 7.55 19.47
C ILE A 221 -6.38 7.35 20.71
N PRO A 222 -5.83 6.74 21.79
CA PRO A 222 -6.58 6.63 23.05
C PRO A 222 -6.89 8.00 23.67
N SER A 223 -7.98 8.15 24.42
CA SER A 223 -8.34 9.46 25.03
C SER A 223 -7.32 9.82 26.11
N GLY A 224 -6.79 11.03 26.03
CA GLY A 224 -5.80 11.60 26.98
C GLY A 224 -4.49 10.84 26.97
N SER A 225 -4.03 10.41 25.78
CA SER A 225 -2.70 9.78 25.54
C SER A 225 -1.68 10.85 25.18
N THR A 226 -1.89 12.09 25.61
CA THR A 226 -0.85 13.16 25.63
C THR A 226 0.20 12.77 26.67
N GLY A 227 1.45 13.16 26.46
CA GLY A 227 2.54 13.08 27.46
C GLY A 227 3.18 11.70 27.50
N ARG A 228 3.30 11.13 28.70
CA ARG A 228 4.10 9.89 28.96
C ARG A 228 3.55 8.71 28.15
N LEU A 229 2.30 8.79 27.66
CA LEU A 229 1.61 7.71 26.92
C LEU A 229 1.93 7.73 25.42
N LEU A 230 2.58 8.77 24.89
CA LEU A 230 3.14 8.83 23.52
C LEU A 230 2.09 8.52 22.43
N GLY A 231 0.81 8.72 22.71
CA GLY A 231 -0.29 8.50 21.75
C GLY A 231 -0.55 7.04 21.44
N LEU A 232 -0.07 6.11 22.26
CA LEU A 232 -0.19 4.66 21.99
C LEU A 232 -1.09 4.01 23.04
N PHE A 233 -0.93 4.42 24.30
CA PHE A 233 -1.47 3.70 25.48
C PHE A 233 -2.50 4.58 26.18
N PRO A 234 -3.57 3.99 26.75
CA PRO A 234 -4.54 4.75 27.54
C PRO A 234 -4.14 4.88 29.01
N ASP A 235 -3.24 4.02 29.47
CA ASP A 235 -2.77 3.91 30.87
C ASP A 235 -1.28 3.54 30.87
N ALA A 236 -0.62 3.77 31.99
CA ALA A 236 0.82 3.49 32.19
C ALA A 236 1.03 2.16 32.91
N ASN A 237 0.06 1.24 32.80
CA ASN A 237 0.21 -0.16 33.24
C ASN A 237 1.27 -0.84 32.37
N ALA B 1 -19.65 9.75 -13.96
CA ALA B 1 -19.17 8.35 -13.99
C ALA B 1 -17.78 8.25 -13.33
N ASP B 2 -17.26 7.04 -13.25
CA ASP B 2 -15.84 6.78 -12.91
C ASP B 2 -15.00 7.25 -14.10
N THR B 3 -13.80 7.74 -13.81
CA THR B 3 -12.71 8.00 -14.79
C THR B 3 -11.84 6.75 -14.98
N ILE B 4 -11.75 6.20 -16.19
CA ILE B 4 -11.10 4.87 -16.43
C ILE B 4 -10.00 4.97 -17.48
N VAL B 5 -8.82 4.49 -17.12
CA VAL B 5 -7.69 4.19 -18.05
C VAL B 5 -7.39 2.71 -17.88
N ALA B 6 -7.58 1.90 -18.90
CA ALA B 6 -7.42 0.43 -18.78
C ALA B 6 -6.55 -0.15 -19.90
N VAL B 7 -5.92 -1.30 -19.65
CA VAL B 7 -5.37 -2.16 -20.73
C VAL B 7 -6.28 -3.39 -20.83
N GLU B 8 -6.99 -3.53 -21.95
CA GLU B 8 -8.01 -4.59 -22.12
C GLU B 8 -7.33 -5.79 -22.76
N LEU B 9 -7.75 -6.98 -22.35
CA LEU B 9 -7.43 -8.28 -22.97
C LEU B 9 -8.75 -8.89 -23.50
N ASP B 10 -9.21 -8.42 -24.65
CA ASP B 10 -10.55 -8.75 -25.19
C ASP B 10 -10.45 -10.09 -25.89
N THR B 11 -11.22 -11.09 -25.44
CA THR B 11 -11.14 -12.47 -25.99
C THR B 11 -12.29 -12.71 -26.95
N TYR B 12 -13.32 -11.87 -26.88
CA TYR B 12 -14.49 -12.02 -27.77
C TYR B 12 -14.70 -10.75 -28.57
N PRO B 13 -14.67 -10.84 -29.91
CA PRO B 13 -14.93 -9.67 -30.75
C PRO B 13 -16.34 -9.08 -30.74
N ASN B 14 -16.55 -7.95 -30.06
CA ASN B 14 -17.85 -7.25 -30.18
C ASN B 14 -17.71 -6.21 -31.30
N THR B 15 -17.83 -6.64 -32.55
CA THR B 15 -17.69 -5.78 -33.76
C THR B 15 -18.71 -4.64 -33.74
N ASP B 16 -19.88 -4.82 -33.08
CA ASP B 16 -20.91 -3.78 -32.78
C ASP B 16 -20.28 -2.48 -32.26
N ILE B 17 -19.24 -2.55 -31.41
CA ILE B 17 -18.64 -1.41 -30.64
C ILE B 17 -17.16 -1.24 -30.97
N GLY B 18 -16.75 -1.61 -32.20
CA GLY B 18 -15.43 -1.22 -32.76
C GLY B 18 -14.33 -2.25 -32.53
N ASP B 19 -14.54 -3.25 -31.68
CA ASP B 19 -13.55 -4.36 -31.48
C ASP B 19 -13.21 -4.93 -32.86
N PRO B 20 -11.91 -5.17 -33.17
CA PRO B 20 -11.54 -5.90 -34.38
C PRO B 20 -12.11 -7.32 -34.41
N SER B 21 -12.08 -7.99 -35.57
CA SER B 21 -12.73 -9.31 -35.77
C SER B 21 -11.90 -10.44 -35.15
N TYR B 22 -11.24 -10.25 -34.01
CA TYR B 22 -10.34 -11.26 -33.39
C TYR B 22 -9.94 -10.87 -31.97
N PRO B 23 -9.50 -11.85 -31.13
CA PRO B 23 -9.00 -11.55 -29.78
C PRO B 23 -7.86 -10.54 -29.81
N HIS B 24 -7.95 -9.45 -29.04
CA HIS B 24 -6.99 -8.32 -29.06
C HIS B 24 -6.59 -7.87 -27.64
N ILE B 25 -5.33 -7.48 -27.42
CA ILE B 25 -4.88 -6.51 -26.36
C ILE B 25 -5.27 -5.11 -26.89
N GLY B 26 -5.74 -4.20 -26.04
CA GLY B 26 -6.05 -2.79 -26.42
C GLY B 26 -5.81 -1.76 -25.31
N ILE B 27 -5.53 -0.48 -25.64
CA ILE B 27 -5.28 0.60 -24.63
C ILE B 27 -6.52 1.50 -24.60
N ASP B 28 -7.29 1.49 -23.50
CA ASP B 28 -8.64 2.11 -23.40
C ASP B 28 -8.53 3.38 -22.58
N ILE B 29 -8.83 4.52 -23.20
CA ILE B 29 -8.87 5.82 -22.46
C ILE B 29 -10.32 6.25 -22.39
N LYS B 30 -10.94 6.11 -21.22
CA LYS B 30 -12.26 6.69 -20.84
C LYS B 30 -13.40 6.10 -21.70
N SER B 31 -13.15 5.05 -22.50
CA SER B 31 -14.12 4.43 -23.43
C SER B 31 -13.67 3.00 -23.74
N VAL B 32 -14.63 2.07 -23.81
CA VAL B 32 -14.36 0.63 -24.09
C VAL B 32 -13.86 0.50 -25.54
N ARG B 33 -14.20 1.48 -26.38
CA ARG B 33 -13.61 1.70 -27.74
C ARG B 33 -12.14 2.05 -27.55
N SER B 34 -11.27 1.03 -27.56
CA SER B 34 -9.80 1.18 -27.42
C SER B 34 -9.32 2.26 -28.39
N LYS B 35 -8.30 3.03 -27.99
CA LYS B 35 -7.65 4.06 -28.85
C LYS B 35 -6.51 3.40 -29.65
N LYS B 36 -6.16 2.14 -29.36
CA LYS B 36 -5.23 1.31 -30.20
C LYS B 36 -5.37 -0.15 -29.72
N THR B 37 -5.30 -1.11 -30.65
CA THR B 37 -5.43 -2.58 -30.41
C THR B 37 -4.32 -3.34 -31.12
N ALA B 38 -4.24 -4.66 -30.92
CA ALA B 38 -3.32 -5.56 -31.65
C ALA B 38 -3.87 -6.98 -31.65
N LYS B 39 -3.57 -7.78 -32.70
CA LYS B 39 -3.99 -9.20 -32.75
C LYS B 39 -3.27 -9.89 -31.59
N TRP B 40 -4.03 -10.66 -30.78
CA TRP B 40 -3.51 -11.45 -29.64
C TRP B 40 -3.91 -12.93 -29.80
N ASN B 41 -2.92 -13.79 -30.01
CA ASN B 41 -3.05 -15.28 -30.12
C ASN B 41 -3.32 -15.84 -28.74
N MET B 42 -4.55 -15.65 -28.24
CA MET B 42 -5.01 -16.22 -26.95
C MET B 42 -4.85 -17.75 -27.01
N GLN B 43 -4.21 -18.33 -26.01
CA GLN B 43 -4.06 -19.80 -25.86
C GLN B 43 -4.99 -20.26 -24.75
N ASN B 44 -6.10 -20.89 -25.14
CA ASN B 44 -7.12 -21.44 -24.20
C ASN B 44 -6.44 -22.45 -23.25
N GLY B 45 -6.45 -22.16 -21.94
CA GLY B 45 -6.01 -23.11 -20.92
C GLY B 45 -4.55 -22.95 -20.53
N LYS B 46 -3.82 -22.05 -21.19
CA LYS B 46 -2.38 -21.80 -20.90
C LYS B 46 -2.30 -20.57 -19.99
N VAL B 47 -1.37 -20.61 -19.02
CA VAL B 47 -1.07 -19.48 -18.10
C VAL B 47 -0.27 -18.44 -18.87
N GLY B 48 -0.73 -17.18 -18.86
CA GLY B 48 -0.14 -16.06 -19.63
C GLY B 48 0.35 -14.94 -18.74
N THR B 49 1.07 -13.98 -19.30
CA THR B 49 1.79 -12.91 -18.57
C THR B 49 1.52 -11.58 -19.26
N ALA B 50 1.31 -10.52 -18.46
CA ALA B 50 0.97 -9.16 -18.91
C ALA B 50 1.85 -8.13 -18.18
N HIS B 51 2.71 -7.40 -18.91
CA HIS B 51 3.51 -6.25 -18.41
C HIS B 51 2.87 -4.99 -19.00
N ILE B 52 2.44 -4.04 -18.16
CA ILE B 52 1.96 -2.68 -18.57
C ILE B 52 2.95 -1.63 -18.06
N ILE B 53 3.24 -0.61 -18.86
CA ILE B 53 4.35 0.37 -18.64
C ILE B 53 3.84 1.78 -18.96
N TYR B 54 4.25 2.77 -18.17
CA TYR B 54 4.06 4.22 -18.45
C TYR B 54 5.14 5.03 -17.71
N ASN B 55 5.65 6.11 -18.32
CA ASN B 55 6.47 7.14 -17.63
C ASN B 55 6.09 8.52 -18.17
N SER B 56 6.47 9.57 -17.44
CA SER B 56 6.10 10.99 -17.68
C SER B 56 6.98 11.61 -18.79
N VAL B 57 8.12 11.00 -19.07
CA VAL B 57 9.12 11.44 -20.07
C VAL B 57 8.63 11.07 -21.47
N ASP B 58 8.27 9.80 -21.67
CA ASP B 58 7.83 9.21 -22.97
C ASP B 58 6.33 9.45 -23.13
N LYS B 59 5.62 9.69 -22.01
CA LYS B 59 4.14 9.81 -21.92
C LYS B 59 3.51 8.80 -22.89
N ARG B 60 3.98 7.54 -22.85
CA ARG B 60 3.49 6.45 -23.71
C ARG B 60 3.15 5.22 -22.85
N LEU B 61 1.86 4.91 -22.77
CA LEU B 61 1.30 3.72 -22.08
C LEU B 61 1.43 2.53 -23.03
N SER B 62 2.24 1.54 -22.65
CA SER B 62 2.58 0.36 -23.46
C SER B 62 2.26 -0.92 -22.69
N ALA B 63 2.02 -2.02 -23.39
CA ALA B 63 1.69 -3.33 -22.79
C ALA B 63 2.18 -4.46 -23.69
N VAL B 64 2.63 -5.54 -23.07
CA VAL B 64 3.05 -6.81 -23.73
C VAL B 64 2.28 -7.94 -23.07
N VAL B 65 1.64 -8.83 -23.85
CA VAL B 65 0.94 -10.04 -23.33
C VAL B 65 1.54 -11.22 -24.09
N SER B 66 1.78 -12.35 -23.42
CA SER B 66 2.73 -13.38 -23.93
C SER B 66 2.51 -14.72 -23.22
N TYR B 67 2.79 -15.82 -23.91
CA TYR B 67 2.78 -17.19 -23.33
C TYR B 67 4.14 -17.85 -23.53
N PRO B 68 4.54 -18.76 -22.61
CA PRO B 68 5.77 -19.53 -22.76
C PRO B 68 5.93 -20.21 -24.13
N ASN B 69 7.15 -20.21 -24.68
CA ASN B 69 7.54 -20.80 -26.00
C ASN B 69 6.64 -20.24 -27.12
N ALA B 70 6.25 -18.95 -27.10
CA ALA B 70 5.37 -18.31 -28.12
C ALA B 70 5.74 -16.84 -28.33
N ASP B 71 5.38 -16.26 -29.49
CA ASP B 71 5.55 -14.82 -29.83
C ASP B 71 4.63 -13.99 -28.92
N SER B 72 4.94 -12.71 -28.78
CA SER B 72 4.21 -11.75 -27.90
C SER B 72 3.30 -10.85 -28.74
N ALA B 73 2.38 -10.12 -28.10
CA ALA B 73 1.62 -9.00 -28.68
C ALA B 73 1.92 -7.71 -27.92
N THR B 74 2.23 -6.65 -28.64
CA THR B 74 2.51 -5.32 -28.06
C THR B 74 1.44 -4.34 -28.54
N VAL B 75 1.09 -3.40 -27.67
CA VAL B 75 0.22 -2.24 -27.98
C VAL B 75 0.78 -1.07 -27.17
N SER B 76 0.85 0.11 -27.78
CA SER B 76 1.35 1.37 -27.18
C SER B 76 0.37 2.47 -27.54
N TYR B 77 0.36 3.56 -26.80
CA TYR B 77 -0.46 4.76 -27.12
C TYR B 77 0.11 5.97 -26.39
N ASP B 78 0.28 7.07 -27.13
CA ASP B 78 0.82 8.34 -26.61
C ASP B 78 -0.35 9.09 -25.97
N VAL B 79 -0.24 9.33 -24.66
CA VAL B 79 -1.25 10.04 -23.84
C VAL B 79 -0.57 10.60 -22.58
N ASP B 80 -0.80 11.88 -22.28
CA ASP B 80 -0.46 12.48 -20.96
C ASP B 80 -1.57 12.10 -19.97
N LEU B 81 -1.27 11.15 -19.09
CA LEU B 81 -2.24 10.67 -18.09
C LEU B 81 -2.46 11.75 -17.04
N ASP B 82 -1.63 12.80 -17.01
CA ASP B 82 -1.81 13.96 -16.10
C ASP B 82 -2.99 14.79 -16.60
N ASN B 83 -3.40 14.58 -17.86
CA ASN B 83 -4.55 15.28 -18.50
C ASN B 83 -5.79 14.40 -18.49
N VAL B 84 -5.71 13.18 -17.95
CA VAL B 84 -6.78 12.15 -18.06
C VAL B 84 -7.25 11.71 -16.67
N LEU B 85 -6.30 11.26 -15.85
CA LEU B 85 -6.56 10.72 -14.49
C LEU B 85 -6.41 11.82 -13.48
N PRO B 86 -7.13 11.74 -12.36
CA PRO B 86 -6.86 12.61 -11.21
C PRO B 86 -5.51 12.22 -10.59
N GLU B 87 -4.98 13.11 -9.75
CA GLU B 87 -3.67 12.98 -9.05
C GLU B 87 -3.61 11.63 -8.33
N TRP B 88 -4.65 11.41 -7.53
CA TRP B 88 -4.82 10.21 -6.70
C TRP B 88 -5.87 9.31 -7.35
N VAL B 89 -5.55 8.02 -7.39
CA VAL B 89 -6.27 6.96 -8.16
C VAL B 89 -6.19 5.65 -7.38
N ARG B 90 -6.95 4.64 -7.81
CA ARG B 90 -6.79 3.23 -7.38
C ARG B 90 -6.41 2.41 -8.61
N VAL B 91 -5.59 1.40 -8.42
CA VAL B 91 -5.19 0.48 -9.50
C VAL B 91 -5.86 -0.85 -9.19
N GLY B 92 -6.23 -1.59 -10.23
CA GLY B 92 -7.15 -2.72 -10.13
C GLY B 92 -7.06 -3.66 -11.32
N LEU B 93 -7.59 -4.87 -11.12
CA LEU B 93 -7.88 -5.85 -12.18
C LEU B 93 -9.40 -6.06 -12.23
N SER B 94 -9.95 -6.14 -13.44
CA SER B 94 -11.39 -6.39 -13.72
C SER B 94 -11.51 -7.55 -14.70
N ALA B 95 -12.70 -8.14 -14.84
CA ALA B 95 -13.02 -9.24 -15.78
C ALA B 95 -14.54 -9.46 -15.81
N SER B 96 -15.05 -9.97 -16.93
CA SER B 96 -16.50 -10.16 -17.15
C SER B 96 -16.74 -11.41 -18.01
N THR B 97 -17.97 -11.92 -18.01
CA THR B 97 -18.50 -12.90 -19.00
C THR B 97 -19.87 -12.38 -19.47
N GLY B 98 -20.43 -12.96 -20.54
CA GLY B 98 -21.78 -12.62 -21.05
C GLY B 98 -22.60 -13.86 -21.41
N LEU B 99 -23.07 -13.92 -22.68
CA LEU B 99 -23.74 -15.08 -23.32
C LEU B 99 -22.75 -16.23 -23.28
N TYR B 100 -21.47 -15.92 -23.55
CA TYR B 100 -20.31 -16.84 -23.54
C TYR B 100 -19.44 -16.61 -22.30
N LYS B 101 -18.63 -17.60 -21.94
CA LYS B 101 -18.00 -17.75 -20.60
C LYS B 101 -16.50 -18.07 -20.77
N GLU B 102 -15.69 -17.80 -19.73
CA GLU B 102 -14.27 -18.21 -19.60
C GLU B 102 -13.92 -18.09 -18.11
N THR B 103 -12.89 -18.78 -17.61
CA THR B 103 -12.35 -18.51 -16.25
C THR B 103 -11.50 -17.23 -16.32
N ASN B 104 -11.52 -16.41 -15.27
CA ASN B 104 -10.70 -15.16 -15.24
C ASN B 104 -9.77 -15.24 -14.02
N THR B 105 -8.94 -16.29 -14.00
CA THR B 105 -8.02 -16.67 -12.90
C THR B 105 -6.75 -15.82 -12.96
N ILE B 106 -6.38 -15.16 -11.87
CA ILE B 106 -5.17 -14.30 -11.72
C ILE B 106 -4.28 -15.04 -10.71
N LEU B 107 -3.08 -15.43 -11.13
CA LEU B 107 -2.17 -16.21 -10.26
C LEU B 107 -1.21 -15.24 -9.57
N SER B 108 -0.91 -14.12 -10.21
CA SER B 108 0.16 -13.18 -9.76
C SER B 108 -0.32 -11.75 -10.04
N TRP B 109 0.05 -10.78 -9.21
CA TRP B 109 -0.21 -9.34 -9.53
C TRP B 109 0.79 -8.46 -8.79
N SER B 110 1.56 -7.69 -9.53
CA SER B 110 2.65 -6.81 -9.05
C SER B 110 2.43 -5.39 -9.61
N PHE B 111 2.64 -4.35 -8.80
CA PHE B 111 2.50 -2.94 -9.21
C PHE B 111 3.50 -2.05 -8.46
N THR B 112 4.13 -1.13 -9.16
CA THR B 112 5.19 -0.24 -8.63
C THR B 112 4.89 1.17 -9.13
N SER B 113 4.89 2.18 -8.27
CA SER B 113 4.79 3.61 -8.67
C SER B 113 5.98 4.39 -8.10
N LYS B 114 6.57 5.28 -8.89
CA LYS B 114 7.72 6.15 -8.49
C LYS B 114 7.37 7.58 -8.88
N LEU B 115 7.65 8.55 -7.99
CA LEU B 115 7.64 10.02 -8.26
C LEU B 115 8.97 10.64 -7.80
N LYS B 116 9.95 10.90 -8.68
CA LYS B 116 11.08 11.83 -8.42
C LYS B 116 10.54 13.27 -8.56
N SER B 117 10.61 14.09 -7.51
CA SER B 117 9.87 15.37 -7.36
C SER B 117 10.46 16.49 -8.24
N THR B 123 12.35 11.20 -3.87
CA THR B 123 11.56 10.15 -4.56
C THR B 123 10.50 9.56 -3.60
N ASN B 124 9.25 9.39 -4.06
CA ASN B 124 8.17 8.66 -3.36
C ASN B 124 7.88 7.38 -4.12
N ALA B 125 7.57 6.29 -3.40
CA ALA B 125 7.47 4.94 -4.01
C ALA B 125 6.35 4.09 -3.38
N LEU B 126 5.71 3.24 -4.19
CA LEU B 126 4.76 2.22 -3.71
C LEU B 126 5.00 0.95 -4.49
N HIS B 127 5.07 -0.18 -3.82
CA HIS B 127 5.23 -1.49 -4.50
C HIS B 127 4.45 -2.57 -3.73
N PHE B 128 3.64 -3.35 -4.44
CA PHE B 128 2.98 -4.55 -3.86
C PHE B 128 3.16 -5.68 -4.88
N MET B 129 3.33 -6.88 -4.33
CA MET B 129 3.49 -8.14 -5.08
C MET B 129 2.62 -9.19 -4.40
N PHE B 130 1.69 -9.78 -5.13
CA PHE B 130 0.90 -10.95 -4.71
C PHE B 130 1.28 -12.16 -5.55
N ASN B 131 1.83 -13.22 -4.93
CA ASN B 131 2.08 -14.52 -5.61
C ASN B 131 1.10 -15.57 -5.03
N GLN B 132 0.82 -15.56 -3.72
CA GLN B 132 -0.36 -16.27 -3.13
C GLN B 132 -1.47 -15.25 -2.84
N PHE B 133 -2.74 -15.63 -2.96
CA PHE B 133 -3.92 -14.88 -2.46
C PHE B 133 -4.58 -15.66 -1.31
N SER B 134 -4.83 -15.07 -0.15
CA SER B 134 -5.49 -15.76 1.00
C SER B 134 -7.02 -15.60 0.93
N LYS B 135 -7.76 -16.36 1.74
CA LYS B 135 -9.25 -16.27 1.84
C LYS B 135 -9.66 -14.86 2.30
N ASP B 136 -8.99 -14.22 3.27
CA ASP B 136 -9.35 -12.84 3.75
C ASP B 136 -8.20 -11.88 3.42
N GLN B 137 -8.18 -11.38 2.17
CA GLN B 137 -7.11 -10.53 1.61
C GLN B 137 -7.47 -9.07 1.91
N LYS B 138 -7.00 -8.56 3.05
CA LYS B 138 -7.51 -7.30 3.66
C LYS B 138 -6.99 -6.10 2.84
N ASP B 139 -5.88 -6.25 2.09
CA ASP B 139 -5.30 -5.15 1.29
C ASP B 139 -5.80 -5.18 -0.17
N LEU B 140 -6.94 -5.82 -0.40
CA LEU B 140 -7.64 -5.86 -1.69
C LEU B 140 -9.11 -5.53 -1.44
N ILE B 141 -9.69 -4.70 -2.30
CA ILE B 141 -11.15 -4.41 -2.34
C ILE B 141 -11.74 -5.24 -3.46
N LEU B 142 -12.35 -6.38 -3.13
CA LEU B 142 -13.01 -7.29 -4.10
C LEU B 142 -14.42 -6.76 -4.31
N GLN B 143 -14.80 -6.56 -5.57
CA GLN B 143 -16.12 -6.06 -5.97
C GLN B 143 -16.74 -7.10 -6.92
N GLY B 144 -18.05 -7.28 -6.92
CA GLY B 144 -18.76 -8.23 -7.80
C GLY B 144 -18.47 -9.66 -7.41
N ASP B 145 -18.11 -10.50 -8.37
CA ASP B 145 -18.01 -11.96 -8.19
C ASP B 145 -16.57 -12.35 -7.83
N ALA B 146 -15.66 -11.39 -7.68
CA ALA B 146 -14.24 -11.65 -7.37
C ALA B 146 -14.12 -12.39 -6.02
N THR B 147 -13.23 -13.38 -5.97
CA THR B 147 -13.01 -14.30 -4.82
C THR B 147 -11.51 -14.59 -4.71
N THR B 148 -11.01 -14.84 -3.49
CA THR B 148 -9.60 -15.26 -3.25
C THR B 148 -9.60 -16.56 -2.43
N GLY B 149 -8.52 -17.34 -2.50
CA GLY B 149 -8.29 -18.53 -1.64
C GLY B 149 -8.30 -19.85 -2.41
N THR B 150 -9.06 -19.90 -3.53
CA THR B 150 -9.17 -21.06 -4.45
C THR B 150 -7.81 -21.28 -5.12
N ASP B 151 -7.06 -22.30 -4.65
CA ASP B 151 -5.72 -22.66 -5.17
C ASP B 151 -4.70 -21.54 -4.87
N GLY B 152 -5.03 -20.62 -3.95
CA GLY B 152 -4.25 -19.39 -3.71
C GLY B 152 -4.30 -18.39 -4.87
N ASN B 153 -5.36 -18.43 -5.68
CA ASN B 153 -5.55 -17.53 -6.84
C ASN B 153 -6.74 -16.58 -6.62
N LEU B 154 -6.78 -15.52 -7.41
CA LEU B 154 -7.88 -14.54 -7.42
C LEU B 154 -8.75 -14.86 -8.64
N GLU B 155 -10.04 -15.12 -8.41
CA GLU B 155 -11.00 -15.54 -9.46
C GLU B 155 -11.97 -14.38 -9.65
N LEU B 156 -11.76 -13.59 -10.69
CA LEU B 156 -12.47 -12.31 -10.91
C LEU B 156 -13.93 -12.58 -11.29
N THR B 157 -14.24 -13.59 -12.13
CA THR B 157 -15.62 -14.07 -12.45
C THR B 157 -15.85 -15.44 -11.81
N ARG B 158 -17.12 -15.83 -11.58
CA ARG B 158 -17.53 -17.02 -10.78
C ARG B 158 -17.17 -18.30 -11.56
N VAL B 159 -16.78 -19.37 -10.86
CA VAL B 159 -16.40 -20.69 -11.45
C VAL B 159 -16.89 -21.79 -10.48
N SER B 160 -17.59 -22.81 -11.00
CA SER B 160 -18.31 -23.88 -10.24
C SER B 160 -17.31 -24.71 -9.41
N SER B 161 -17.80 -25.40 -8.37
CA SER B 161 -17.02 -26.36 -7.54
C SER B 161 -16.26 -27.32 -8.47
N ASN B 162 -16.94 -27.87 -9.48
CA ASN B 162 -16.39 -28.79 -10.52
C ASN B 162 -15.24 -28.11 -11.29
N GLY B 163 -15.39 -26.81 -11.62
CA GLY B 163 -14.37 -26.02 -12.37
C GLY B 163 -14.99 -25.12 -13.46
N SER B 164 -16.22 -25.47 -13.90
CA SER B 164 -16.98 -24.85 -15.02
C SER B 164 -17.20 -23.36 -14.78
N PRO B 165 -16.59 -22.49 -15.61
CA PRO B 165 -16.85 -21.05 -15.60
C PRO B 165 -18.30 -20.66 -15.93
N GLN B 166 -18.83 -19.64 -15.25
CA GLN B 166 -20.24 -19.19 -15.36
C GLN B 166 -20.31 -17.95 -16.25
N GLY B 167 -21.46 -17.72 -16.89
CA GLY B 167 -21.74 -16.58 -17.78
C GLY B 167 -22.38 -15.42 -17.03
N SER B 168 -22.59 -14.29 -17.72
CA SER B 168 -23.14 -13.04 -17.16
C SER B 168 -22.54 -12.75 -15.78
N SER B 169 -21.21 -12.87 -15.63
CA SER B 169 -20.45 -12.63 -14.38
C SER B 169 -19.57 -11.39 -14.56
N VAL B 170 -19.31 -10.63 -13.49
CA VAL B 170 -18.37 -9.47 -13.47
C VAL B 170 -17.90 -9.24 -12.03
N GLY B 171 -16.59 -9.11 -11.86
CA GLY B 171 -15.88 -8.86 -10.60
C GLY B 171 -14.53 -8.16 -10.80
N ARG B 172 -14.07 -7.45 -9.77
CA ARG B 172 -12.86 -6.59 -9.81
C ARG B 172 -12.11 -6.71 -8.48
N ALA B 173 -10.78 -6.67 -8.54
CA ALA B 173 -9.87 -6.47 -7.39
C ALA B 173 -9.22 -5.09 -7.50
N LEU B 174 -9.28 -4.26 -6.46
CA LEU B 174 -8.51 -2.99 -6.39
C LEU B 174 -7.58 -3.09 -5.19
N PHE B 175 -6.35 -2.63 -5.32
CA PHE B 175 -5.42 -2.49 -4.17
C PHE B 175 -5.98 -1.41 -3.23
N TYR B 176 -5.90 -1.69 -1.92
CA TYR B 176 -6.64 -0.97 -0.85
C TYR B 176 -6.22 0.50 -0.83
N ALA B 177 -4.92 0.77 -0.97
CA ALA B 177 -4.34 2.12 -0.81
C ALA B 177 -4.50 2.91 -2.09
N PRO B 178 -4.87 4.21 -1.98
CA PRO B 178 -4.81 5.12 -3.12
C PRO B 178 -3.35 5.30 -3.56
N VAL B 179 -3.16 5.54 -4.86
CA VAL B 179 -1.81 5.74 -5.48
C VAL B 179 -1.75 7.15 -6.06
N HIS B 180 -0.61 7.82 -5.85
CA HIS B 180 -0.24 9.12 -6.47
C HIS B 180 0.42 8.80 -7.80
N ILE B 181 -0.29 8.92 -8.93
CA ILE B 181 0.30 8.49 -10.24
C ILE B 181 0.87 9.70 -11.00
N TRP B 182 0.50 10.93 -10.65
CA TRP B 182 1.19 12.13 -11.17
C TRP B 182 1.21 13.25 -10.12
N GLU B 183 2.34 13.95 -10.00
CA GLU B 183 2.51 15.08 -9.03
C GLU B 183 2.58 16.37 -9.84
N SER B 184 2.17 17.51 -9.27
CA SER B 184 2.30 18.86 -9.87
C SER B 184 3.78 19.11 -10.21
N SER B 185 4.62 19.31 -9.19
CA SER B 185 6.07 19.61 -9.32
C SER B 185 6.88 18.31 -9.35
N ALA B 186 6.79 17.53 -10.44
CA ALA B 186 7.46 16.20 -10.56
C ALA B 186 8.39 16.17 -11.77
N VAL B 187 9.60 15.65 -11.61
CA VAL B 187 10.62 15.55 -12.70
C VAL B 187 10.32 14.29 -13.49
N VAL B 188 10.08 13.20 -12.78
CA VAL B 188 9.71 11.89 -13.40
C VAL B 188 8.63 11.24 -12.54
N ALA B 189 7.66 10.63 -13.21
CA ALA B 189 6.62 9.74 -12.66
C ALA B 189 6.62 8.48 -13.52
N SER B 190 6.49 7.30 -12.93
CA SER B 190 6.48 6.01 -13.66
C SER B 190 5.70 4.95 -12.88
N PHE B 191 5.10 3.99 -13.60
CA PHE B 191 4.50 2.76 -13.02
C PHE B 191 4.72 1.59 -13.98
N GLU B 192 4.96 0.42 -13.39
CA GLU B 192 5.02 -0.92 -14.02
C GLU B 192 3.89 -1.71 -13.35
N ALA B 193 3.26 -2.61 -14.08
CA ALA B 193 2.21 -3.51 -13.57
C ALA B 193 2.36 -4.88 -14.25
N THR B 194 2.39 -5.96 -13.47
CA THR B 194 2.58 -7.33 -14.01
C THR B 194 1.52 -8.21 -13.40
N PHE B 195 0.98 -9.15 -14.17
CA PHE B 195 0.07 -10.18 -13.65
C PHE B 195 0.14 -11.37 -14.59
N THR B 196 0.13 -12.58 -14.01
CA THR B 196 -0.10 -13.85 -14.73
C THR B 196 -1.57 -14.23 -14.57
N PHE B 197 -2.13 -14.93 -15.55
CA PHE B 197 -3.57 -15.26 -15.68
C PHE B 197 -3.75 -16.61 -16.37
N LEU B 198 -4.93 -17.20 -16.23
CA LEU B 198 -5.39 -18.47 -16.86
C LEU B 198 -6.83 -18.26 -17.35
N ILE B 199 -7.02 -17.88 -18.62
CA ILE B 199 -8.35 -17.89 -19.33
C ILE B 199 -8.49 -19.28 -19.99
N LYS B 200 -9.37 -20.14 -19.44
CA LYS B 200 -9.71 -21.51 -19.91
C LYS B 200 -11.23 -21.54 -20.11
N SER B 201 -11.69 -22.02 -21.26
CA SER B 201 -13.13 -22.09 -21.64
C SER B 201 -13.42 -23.46 -22.26
N PRO B 202 -14.30 -24.31 -21.69
CA PRO B 202 -14.63 -25.57 -22.34
C PRO B 202 -15.46 -25.28 -23.62
N ASP B 203 -16.41 -24.33 -23.57
CA ASP B 203 -17.09 -23.74 -24.76
C ASP B 203 -16.01 -23.08 -25.65
N SER B 204 -15.95 -23.40 -26.95
CA SER B 204 -14.86 -22.95 -27.87
C SER B 204 -15.05 -21.47 -28.23
N HIS B 205 -16.20 -20.87 -27.89
CA HIS B 205 -16.46 -19.41 -27.91
C HIS B 205 -16.17 -18.84 -26.52
N PRO B 206 -14.95 -18.32 -26.28
CA PRO B 206 -14.54 -17.77 -24.98
C PRO B 206 -14.84 -16.27 -24.90
N ALA B 207 -15.32 -15.80 -23.74
CA ALA B 207 -15.68 -14.39 -23.52
C ALA B 207 -15.66 -14.10 -22.01
N ASP B 208 -15.40 -12.86 -21.57
CA ASP B 208 -15.27 -11.67 -22.45
C ASP B 208 -13.90 -11.03 -22.28
N GLY B 209 -13.23 -11.22 -21.14
CA GLY B 209 -11.86 -10.70 -21.04
C GLY B 209 -11.40 -10.20 -19.68
N ILE B 210 -10.11 -9.87 -19.56
CA ILE B 210 -9.49 -9.33 -18.31
C ILE B 210 -8.94 -7.95 -18.65
N ALA B 211 -8.87 -7.04 -17.69
CA ALA B 211 -8.24 -5.71 -17.87
C ALA B 211 -7.53 -5.29 -16.58
N PHE B 212 -6.33 -4.72 -16.73
CA PHE B 212 -5.72 -3.82 -15.72
C PHE B 212 -6.34 -2.43 -15.89
N PHE B 213 -6.75 -1.80 -14.80
CA PHE B 213 -7.31 -0.44 -14.88
C PHE B 213 -6.78 0.45 -13.75
N ILE B 214 -6.74 1.75 -14.07
CA ILE B 214 -6.56 2.86 -13.09
C ILE B 214 -7.85 3.68 -13.11
N SER B 215 -8.31 4.14 -11.94
CA SER B 215 -9.62 4.84 -11.78
C SER B 215 -9.56 5.78 -10.57
N ASN B 216 -10.53 6.68 -10.46
CA ASN B 216 -10.71 7.50 -9.22
C ASN B 216 -10.92 6.55 -8.02
N ILE B 217 -10.52 7.00 -6.83
CA ILE B 217 -10.31 6.17 -5.59
C ILE B 217 -11.59 5.38 -5.30
N ASP B 218 -12.74 6.02 -5.49
CA ASP B 218 -14.09 5.54 -5.09
C ASP B 218 -14.74 4.70 -6.19
N SER B 219 -13.96 4.23 -7.17
CA SER B 219 -14.47 3.47 -8.35
C SER B 219 -15.18 2.21 -7.88
N SER B 220 -16.23 1.84 -8.61
CA SER B 220 -17.16 0.71 -8.32
C SER B 220 -17.73 0.14 -9.62
N ILE B 221 -18.09 -1.15 -9.64
CA ILE B 221 -18.50 -1.82 -10.90
C ILE B 221 -19.77 -1.12 -11.39
N PRO B 222 -19.76 -0.55 -12.62
CA PRO B 222 -20.96 0.13 -13.16
C PRO B 222 -22.17 -0.80 -13.32
N SER B 223 -23.41 -0.26 -13.25
CA SER B 223 -24.69 -0.96 -13.52
C SER B 223 -24.66 -1.70 -14.88
N GLY B 224 -24.82 -3.02 -14.87
CA GLY B 224 -24.89 -3.88 -16.08
C GLY B 224 -23.63 -3.87 -16.94
N SER B 225 -22.44 -3.89 -16.33
CA SER B 225 -21.14 -3.90 -17.04
C SER B 225 -20.64 -5.34 -17.19
N THR B 226 -21.52 -6.33 -17.20
CA THR B 226 -21.12 -7.69 -17.65
C THR B 226 -20.94 -7.65 -19.18
N GLY B 227 -20.08 -8.52 -19.72
CA GLY B 227 -19.93 -8.77 -21.16
C GLY B 227 -19.00 -7.77 -21.81
N ARG B 228 -19.45 -7.15 -22.92
CA ARG B 228 -18.70 -6.23 -23.82
C ARG B 228 -18.03 -5.11 -23.02
N LEU B 229 -18.57 -4.75 -21.84
CA LEU B 229 -18.12 -3.61 -21.02
C LEU B 229 -16.98 -3.97 -20.05
N LEU B 230 -16.63 -5.26 -19.90
CA LEU B 230 -15.42 -5.76 -19.18
C LEU B 230 -15.35 -5.20 -17.75
N GLY B 231 -16.50 -4.86 -17.13
CA GLY B 231 -16.59 -4.38 -15.74
C GLY B 231 -16.05 -2.98 -15.53
N LEU B 232 -15.84 -2.18 -16.58
CA LEU B 232 -15.19 -0.86 -16.47
C LEU B 232 -16.16 0.26 -16.85
N PHE B 233 -16.97 0.05 -17.89
CA PHE B 233 -17.77 1.09 -18.57
C PHE B 233 -19.27 0.85 -18.37
N PRO B 234 -20.10 1.90 -18.23
CA PRO B 234 -21.55 1.72 -18.12
C PRO B 234 -22.25 1.63 -19.49
N ASP B 235 -21.57 2.12 -20.53
CA ASP B 235 -22.06 2.16 -21.94
C ASP B 235 -20.86 1.98 -22.87
N ALA B 236 -21.14 1.68 -24.14
CA ALA B 236 -20.16 1.33 -25.19
C ALA B 236 -19.79 2.56 -26.02
N ASN B 237 -20.09 3.78 -25.52
CA ASN B 237 -19.64 5.05 -26.11
C ASN B 237 -18.11 5.13 -25.96
MN MN E . 9.95 5.42 28.01
CA CA F . 8.58 9.26 28.95
C1 MAN G . 3.62 16.70 32.35
C2 MAN G . 2.75 15.54 31.87
C3 MAN G . 3.62 14.31 31.61
C4 MAN G . 4.57 14.66 30.49
C5 MAN G . 5.38 15.95 30.74
C6 MAN G . 5.73 16.65 29.38
O2 MAN G . 1.99 15.93 30.73
O3 MAN G . 2.84 13.17 31.27
O4 MAN G . 5.42 13.53 30.27
O5 MAN G . 4.75 16.99 31.53
O6 MAN G . 5.37 15.88 28.22
MN MN H . -12.03 -4.75 -27.34
CA CA I . -15.07 -7.43 -26.65
C1 MAN J . -23.51 -11.30 -25.28
C2 MAN J . -23.30 -10.05 -24.44
C3 MAN J . -22.06 -9.38 -24.92
C4 MAN J . -20.88 -10.30 -24.66
C5 MAN J . -21.06 -11.70 -25.24
C6 MAN J . -20.23 -12.78 -24.51
O2 MAN J . -23.22 -10.34 -23.05
O3 MAN J . -21.95 -8.12 -24.25
O4 MAN J . -19.69 -9.68 -25.16
O5 MAN J . -22.41 -12.20 -25.23
O6 MAN J . -19.77 -12.42 -23.23
C1 SQ0 K . 5.30 16.82 34.10
C2 SQ0 K . 5.48 16.36 35.50
C3 SQ0 K . 7.25 14.75 35.55
C4 SQ0 K . 7.84 15.09 36.94
C5 SQ0 K . 9.31 16.95 36.36
O1 SQ0 K . 5.85 14.98 35.51
N1 SQ0 K . 9.13 15.74 36.87
C6 SQ0 K . 10.33 17.56 35.59
C7 SQ0 K . 9.60 18.83 35.58
C8 SQ0 K . 8.54 18.20 36.39
O2 SQ0 K . 7.48 18.55 36.89
O3 SQ0 K . 9.77 19.95 35.10
O4 SQ0 K . 18.17 13.57 31.98
C9 SQ0 K . 16.80 13.30 32.24
C10 SQ0 K . 16.04 14.57 32.54
C11 SQ0 K . 15.31 14.58 33.86
C12 SQ0 K . 13.92 15.17 33.77
C13 SQ0 K . 13.25 15.40 35.09
C14 SQ0 K . 11.78 15.70 34.95
N2 SQ0 K . 11.45 17.12 35.06
O6 SQ0 K . 4.02 16.35 33.65
C1 SQ0 L . -24.29 -11.86 -27.44
C2 SQ0 L . -23.57 -11.87 -28.73
C3 SQ0 L . -22.45 -10.37 -30.19
C4 SQ0 L . -22.56 -11.41 -31.31
C5 SQ0 L . -20.39 -11.71 -32.36
O1 SQ0 L . -23.48 -10.54 -29.24
N1 SQ0 L . -21.32 -12.15 -31.52
C6 SQ0 L . -19.39 -12.30 -33.21
C7 SQ0 L . -18.98 -10.97 -33.69
C8 SQ0 L . -20.03 -10.37 -32.81
O2 SQ0 L . -20.41 -9.24 -32.56
O3 SQ0 L . -18.15 -10.55 -34.48
O4 SQ0 L . -19.64 -20.97 -30.04
C9 SQ0 L . -18.78 -19.93 -30.43
C10 SQ0 L . -19.41 -19.09 -31.52
C11 SQ0 L . -18.68 -17.78 -31.73
C12 SQ0 L . -19.44 -16.57 -31.22
C13 SQ0 L . -19.78 -15.55 -32.29
C14 SQ0 L . -18.66 -14.56 -32.53
N2 SQ0 L . -18.96 -13.52 -33.50
O6 SQ0 L . -23.68 -10.87 -26.61
#